data_3WBG
#
_entry.id   3WBG
#
_cell.length_a   127.157
_cell.length_b   29.359
_cell.length_c   140.689
_cell.angle_alpha   90.000
_cell.angle_beta   112.470
_cell.angle_gamma   90.000
#
_symmetry.space_group_name_H-M   'C 1 2 1'
#
loop_
_entity.id
_entity.type
_entity.pdbx_description
1 polymer 'Fatty acid-binding protein, heart'
2 non-polymer '8-ANILINO-1-NAPHTHALENE SULFONATE'
3 water water
#
_entity_poly.entity_id   1
_entity_poly.type   'polypeptide(L)'
_entity_poly.pdbx_seq_one_letter_code
;MGSSHHHHHHSSGLVPRGSHMVDAFLGTWKLVDSKNFDDYMKSLGVGFATRQVASMTKPTTIIEKNGDILTLKTHSTFKN
TEISFKLGVEFDETTADDRKVKSIVTLDGGKLVHLQKWDGQETTLVRELIDGKLILTLTHGTAVCTRTYEKEA
;
_entity_poly.pdbx_strand_id   A,B,C,D
#
loop_
_chem_comp.id
_chem_comp.type
_chem_comp.name
_chem_comp.formula
2AN non-polymer '8-ANILINO-1-NAPHTHALENE SULFONATE' 'C16 H13 N O3 S'
#
# COMPACT_ATOMS: atom_id res chain seq x y z
N MET A 21 -32.38 1.10 -12.87
CA MET A 21 -32.54 1.27 -11.39
C MET A 21 -31.56 0.45 -10.53
N VAL A 22 -30.84 1.14 -9.65
CA VAL A 22 -29.90 0.50 -8.76
C VAL A 22 -30.59 -0.62 -8.02
N ASP A 23 -31.72 -0.28 -7.41
CA ASP A 23 -32.54 -1.16 -6.60
C ASP A 23 -32.66 -2.54 -7.17
N ALA A 24 -32.64 -2.63 -8.49
CA ALA A 24 -32.81 -3.90 -9.16
C ALA A 24 -31.56 -4.75 -9.01
N PHE A 25 -30.44 -4.13 -8.60
CA PHE A 25 -29.17 -4.86 -8.41
C PHE A 25 -29.04 -5.54 -7.08
N LEU A 26 -29.83 -5.10 -6.10
CA LEU A 26 -29.57 -5.40 -4.70
C LEU A 26 -29.91 -6.83 -4.42
N GLY A 27 -29.17 -7.46 -3.53
CA GLY A 27 -29.33 -8.87 -3.29
C GLY A 27 -28.01 -9.61 -3.45
N THR A 28 -28.09 -10.92 -3.27
CA THR A 28 -27.00 -11.86 -3.37
C THR A 28 -27.07 -12.59 -4.72
N TRP A 29 -25.94 -12.66 -5.42
CA TRP A 29 -25.86 -13.21 -6.75
C TRP A 29 -24.72 -14.23 -6.77
N LYS A 30 -24.94 -15.38 -7.40
CA LYS A 30 -23.99 -16.50 -7.35
C LYS A 30 -23.53 -16.77 -8.77
N LEU A 31 -22.22 -16.86 -8.93
CA LEU A 31 -21.60 -17.12 -10.25
C LEU A 31 -22.08 -18.45 -10.81
N VAL A 32 -22.60 -18.45 -12.03
CA VAL A 32 -22.93 -19.71 -12.68
C VAL A 32 -22.11 -20.00 -13.94
N ASP A 33 -21.68 -18.93 -14.63
CA ASP A 33 -20.90 -19.15 -15.85
C ASP A 33 -19.80 -18.16 -15.95
N SER A 34 -18.69 -18.54 -16.56
CA SER A 34 -17.59 -17.62 -16.75
C SER A 34 -16.96 -17.81 -18.13
N LYS A 35 -16.70 -16.71 -18.82
CA LYS A 35 -16.09 -16.77 -20.15
C LYS A 35 -14.85 -15.90 -20.23
N ASN A 36 -13.71 -16.53 -20.49
CA ASN A 36 -12.40 -15.88 -20.74
C ASN A 36 -11.87 -15.17 -19.49
N PHE A 37 -12.27 -15.64 -18.30
CA PHE A 37 -11.76 -15.05 -17.07
C PHE A 37 -10.20 -15.19 -16.96
N ASP A 38 -9.64 -16.29 -17.45
CA ASP A 38 -8.21 -16.60 -17.23
C ASP A 38 -7.34 -15.51 -17.90
N ASP A 39 -7.63 -15.20 -19.15
CA ASP A 39 -6.95 -14.15 -19.90
C ASP A 39 -7.15 -12.77 -19.26
N TYR A 40 -8.34 -12.50 -18.72
CA TYR A 40 -8.56 -11.26 -18.02
C TYR A 40 -7.62 -11.19 -16.81
N MET A 41 -7.63 -12.20 -15.91
CA MET A 41 -6.70 -12.21 -14.78
C MET A 41 -5.20 -12.16 -15.15
N LYS A 42 -4.82 -12.79 -16.23
CA LYS A 42 -3.44 -12.86 -16.66
C LYS A 42 -3.06 -11.50 -17.16
N SER A 43 -4.02 -10.86 -17.84
CA SER A 43 -3.85 -9.54 -18.38
C SER A 43 -3.54 -8.57 -17.26
N LEU A 44 -3.97 -8.89 -16.04
CA LEU A 44 -3.75 -8.01 -14.88
C LEU A 44 -2.55 -8.35 -14.02
N GLY A 45 -1.90 -9.46 -14.26
CA GLY A 45 -0.73 -9.77 -13.50
C GLY A 45 -0.96 -10.95 -12.61
N VAL A 46 -2.18 -11.48 -12.60
CA VAL A 46 -2.40 -12.64 -11.74
C VAL A 46 -1.60 -13.87 -12.20
N GLY A 47 -0.77 -14.38 -11.30
CA GLY A 47 0.09 -15.52 -11.59
C GLY A 47 -0.66 -16.80 -11.84
N PHE A 48 0.01 -17.74 -12.50
CA PHE A 48 -0.60 -19.01 -12.86
C PHE A 48 -1.23 -19.80 -11.71
N ALA A 49 -0.56 -19.81 -10.56
CA ALA A 49 -0.99 -20.66 -9.46
C ALA A 49 -2.38 -20.24 -9.00
N THR A 50 -2.46 -18.94 -8.77
CA THR A 50 -3.63 -18.23 -8.33
C THR A 50 -4.77 -18.25 -9.35
N ARG A 51 -4.45 -18.15 -10.66
CA ARG A 51 -5.48 -18.17 -11.69
C ARG A 51 -6.24 -19.49 -11.64
N GLN A 52 -5.51 -20.57 -11.40
CA GLN A 52 -6.11 -21.95 -11.30
C GLN A 52 -7.08 -22.08 -10.14
N VAL A 53 -6.69 -21.54 -9.00
CA VAL A 53 -7.60 -21.46 -7.87
C VAL A 53 -8.86 -20.62 -8.20
N ALA A 54 -8.67 -19.39 -8.67
CA ALA A 54 -9.77 -18.45 -8.81
C ALA A 54 -10.81 -18.86 -9.83
N SER A 55 -10.38 -19.62 -10.83
CA SER A 55 -11.19 -20.00 -11.97
C SER A 55 -12.17 -21.14 -11.68
N MET A 56 -11.78 -22.07 -10.81
CA MET A 56 -12.67 -23.18 -10.46
C MET A 56 -13.67 -22.71 -9.38
N THR A 57 -13.42 -21.53 -8.81
CA THR A 57 -14.20 -20.97 -7.71
C THR A 57 -15.56 -20.39 -8.16
N LYS A 58 -16.57 -20.40 -7.29
CA LYS A 58 -17.88 -19.85 -7.64
C LYS A 58 -18.37 -18.80 -6.61
N PRO A 59 -17.83 -17.56 -6.73
CA PRO A 59 -18.11 -16.43 -5.86
C PRO A 59 -19.55 -15.97 -5.80
N THR A 60 -19.83 -15.27 -4.71
CA THR A 60 -21.09 -14.59 -4.51
C THR A 60 -20.81 -13.05 -4.52
N THR A 61 -21.65 -12.31 -5.23
CA THR A 61 -21.63 -10.87 -5.18
C THR A 61 -22.86 -10.42 -4.42
N ILE A 62 -22.64 -9.63 -3.38
CA ILE A 62 -23.74 -9.06 -2.58
C ILE A 62 -23.72 -7.58 -2.85
N ILE A 63 -24.88 -7.02 -3.21
CA ILE A 63 -24.97 -5.61 -3.51
C ILE A 63 -26.01 -4.96 -2.57
N GLU A 64 -25.61 -3.92 -1.86
CA GLU A 64 -26.44 -3.37 -0.79
C GLU A 64 -26.45 -1.89 -0.98
N LYS A 65 -27.48 -1.24 -0.47
CA LYS A 65 -27.47 0.20 -0.45
C LYS A 65 -27.97 0.67 0.90
N ASN A 66 -27.51 1.85 1.30
CA ASN A 66 -27.85 2.39 2.60
C ASN A 66 -27.80 3.87 2.38
N GLY A 67 -28.96 4.43 2.07
CA GLY A 67 -29.05 5.80 1.61
C GLY A 67 -28.43 5.86 0.23
N ASP A 68 -27.47 6.75 0.04
CA ASP A 68 -26.89 6.89 -1.27
C ASP A 68 -25.48 6.29 -1.37
N ILE A 69 -25.14 5.45 -0.37
CA ILE A 69 -23.88 4.71 -0.33
C ILE A 69 -24.10 3.25 -0.67
N LEU A 70 -23.52 2.84 -1.80
CA LEU A 70 -23.65 1.46 -2.23
C LEU A 70 -22.52 0.64 -1.64
N THR A 71 -22.75 -0.66 -1.47
CA THR A 71 -21.69 -1.55 -1.04
C THR A 71 -21.80 -2.77 -1.91
N LEU A 72 -20.67 -3.17 -2.49
CA LEU A 72 -20.60 -4.39 -3.27
C LEU A 72 -19.55 -5.28 -2.65
N LYS A 73 -19.97 -6.48 -2.25
CA LYS A 73 -19.07 -7.42 -1.62
C LYS A 73 -18.94 -8.63 -2.49
N THR A 74 -17.77 -9.24 -2.45
CA THR A 74 -17.46 -10.46 -3.18
C THR A 74 -17.10 -11.47 -2.13
N HIS A 75 -17.91 -12.53 -2.05
CA HIS A 75 -17.69 -13.62 -1.09
C HIS A 75 -17.42 -14.96 -1.80
N SER A 76 -16.35 -15.64 -1.38
CA SER A 76 -15.93 -16.90 -1.99
C SER A 76 -14.89 -17.64 -1.16
N THR A 77 -14.57 -18.83 -1.61
CA THR A 77 -13.54 -19.62 -0.99
C THR A 77 -12.13 -19.19 -1.39
N PHE A 78 -12.01 -18.42 -2.47
CA PHE A 78 -10.71 -17.87 -2.86
C PHE A 78 -10.45 -16.60 -2.05
N LYS A 79 -11.14 -15.52 -2.38
CA LYS A 79 -10.96 -14.22 -1.72
C LYS A 79 -12.27 -13.61 -1.23
N ASN A 80 -12.16 -12.71 -0.26
CA ASN A 80 -13.29 -11.91 0.22
C ASN A 80 -13.00 -10.39 0.16
N THR A 81 -13.73 -9.61 -0.64
CA THR A 81 -13.49 -8.17 -0.71
C THR A 81 -14.79 -7.44 -0.40
N GLU A 82 -14.71 -6.13 -0.16
CA GLU A 82 -15.89 -5.26 -0.12
C GLU A 82 -15.55 -3.79 -0.43
N ILE A 83 -16.44 -3.11 -1.15
CA ILE A 83 -16.23 -1.72 -1.46
C ILE A 83 -17.53 -0.99 -1.15
N SER A 84 -17.43 0.25 -0.66
CA SER A 84 -18.59 1.11 -0.42
C SER A 84 -18.26 2.45 -1.04
N PHE A 85 -19.24 3.09 -1.68
CA PHE A 85 -18.97 4.28 -2.46
C PHE A 85 -20.28 4.92 -2.84
N LYS A 86 -20.20 6.22 -3.18
CA LYS A 86 -21.30 6.98 -3.83
C LYS A 86 -21.07 7.03 -5.34
N LEU A 87 -22.17 6.95 -6.11
CA LEU A 87 -22.10 7.01 -7.55
C LEU A 87 -21.58 8.36 -8.05
N GLY A 88 -20.64 8.32 -8.98
CA GLY A 88 -20.04 9.56 -9.47
C GLY A 88 -18.99 10.16 -8.56
N VAL A 89 -18.68 9.46 -7.46
CA VAL A 89 -17.77 10.07 -6.52
C VAL A 89 -16.59 9.18 -6.40
N GLU A 90 -15.44 9.72 -6.79
CA GLU A 90 -14.26 8.93 -6.99
C GLU A 90 -13.77 8.42 -5.65
N PHE A 91 -13.17 7.23 -5.61
CA PHE A 91 -12.75 6.60 -4.34
C PHE A 91 -11.55 5.66 -4.48
N ASP A 92 -10.77 5.49 -3.40
CA ASP A 92 -9.64 4.53 -3.38
C ASP A 92 -10.14 3.12 -3.15
N GLU A 93 -9.56 2.15 -3.84
CA GLU A 93 -9.94 0.75 -3.70
C GLU A 93 -8.72 -0.12 -3.77
N THR A 94 -8.66 -1.14 -2.91
CA THR A 94 -7.66 -2.21 -3.01
C THR A 94 -8.37 -3.47 -3.51
N THR A 95 -7.93 -3.99 -4.66
CA THR A 95 -8.69 -5.00 -5.37
C THR A 95 -8.34 -6.36 -4.87
N ALA A 96 -9.15 -7.32 -5.29
CA ALA A 96 -8.97 -8.72 -4.87
C ALA A 96 -7.54 -9.21 -5.18
N ASP A 97 -7.07 -8.81 -6.36
CA ASP A 97 -5.76 -9.16 -6.84
C ASP A 97 -4.73 -8.12 -6.36
N ASP A 98 -5.09 -7.32 -5.36
CA ASP A 98 -4.16 -6.44 -4.65
C ASP A 98 -3.61 -5.26 -5.45
N ARG A 99 -4.39 -4.78 -6.42
CA ARG A 99 -4.05 -3.55 -7.12
C ARG A 99 -4.59 -2.40 -6.29
N LYS A 100 -3.91 -1.25 -6.33
CA LYS A 100 -4.28 -0.09 -5.55
C LYS A 100 -4.76 0.95 -6.54
N VAL A 101 -6.08 1.10 -6.61
CA VAL A 101 -6.67 1.87 -7.69
C VAL A 101 -7.49 3.04 -7.21
N LYS A 102 -7.80 3.92 -8.18
CA LYS A 102 -8.73 5.02 -8.08
C LYS A 102 -9.96 4.61 -8.88
N SER A 103 -11.12 4.64 -8.23
CA SER A 103 -12.28 4.04 -8.80
C SER A 103 -13.37 5.05 -8.85
N ILE A 104 -14.20 4.90 -9.87
CA ILE A 104 -15.44 5.62 -9.96
C ILE A 104 -16.57 4.75 -10.50
N VAL A 105 -17.71 4.81 -9.84
CA VAL A 105 -18.87 4.01 -10.21
C VAL A 105 -20.03 4.93 -10.58
N THR A 106 -20.51 4.78 -11.79
CA THR A 106 -21.68 5.55 -12.21
C THR A 106 -22.78 4.63 -12.73
N LEU A 107 -23.96 5.21 -13.02
CA LEU A 107 -25.08 4.46 -13.57
C LEU A 107 -25.40 4.98 -14.98
N ASP A 108 -25.17 4.14 -15.99
CA ASP A 108 -25.40 4.54 -17.36
C ASP A 108 -26.57 3.72 -17.82
N GLY A 109 -27.75 4.30 -17.69
CA GLY A 109 -29.01 3.69 -18.12
C GLY A 109 -29.10 2.21 -17.78
N GLY A 110 -29.39 1.95 -16.51
CA GLY A 110 -29.44 0.58 -16.01
C GLY A 110 -28.13 -0.18 -15.90
N LYS A 111 -27.02 0.38 -16.42
CA LYS A 111 -25.70 -0.30 -16.38
C LYS A 111 -24.80 0.32 -15.36
N LEU A 112 -24.34 -0.50 -14.42
CA LEU A 112 -23.43 -0.05 -13.38
C LEU A 112 -21.97 -0.13 -13.90
N VAL A 113 -21.35 1.02 -14.11
CA VAL A 113 -20.06 1.10 -14.78
C VAL A 113 -18.99 1.46 -13.77
N HIS A 114 -18.09 0.51 -13.52
CA HIS A 114 -17.04 0.67 -12.56
C HIS A 114 -15.70 0.80 -13.28
N LEU A 115 -15.17 2.02 -13.26
CA LEU A 115 -13.90 2.35 -13.85
C LEU A 115 -12.79 2.38 -12.76
N GLN A 116 -11.72 1.62 -12.98
CA GLN A 116 -10.55 1.62 -12.11
C GLN A 116 -9.33 2.21 -12.87
N LYS A 117 -8.55 3.12 -12.26
CA LYS A 117 -7.21 3.52 -12.78
C LYS A 117 -6.06 3.30 -11.82
N TRP A 118 -4.95 2.75 -12.32
CA TRP A 118 -3.72 2.53 -11.55
C TRP A 118 -2.50 2.43 -12.49
N ASP A 119 -1.40 3.11 -12.10
CA ASP A 119 -0.15 3.18 -12.90
C ASP A 119 -0.35 3.50 -14.39
N GLY A 120 -1.17 4.51 -14.69
CA GLY A 120 -1.56 4.80 -16.08
C GLY A 120 -2.52 3.82 -16.77
N GLN A 121 -2.67 2.64 -16.17
CA GLN A 121 -3.56 1.56 -16.64
C GLN A 121 -5.01 1.76 -16.26
N GLU A 122 -5.94 1.28 -17.10
CA GLU A 122 -7.37 1.31 -16.78
C GLU A 122 -8.08 -0.04 -17.00
N THR A 123 -9.07 -0.36 -16.17
CA THR A 123 -9.95 -1.51 -16.46
C THR A 123 -11.39 -1.12 -16.10
N THR A 124 -12.35 -1.73 -16.79
CA THR A 124 -13.74 -1.41 -16.53
C THR A 124 -14.49 -2.69 -16.09
N LEU A 125 -15.43 -2.54 -15.17
CA LEU A 125 -16.30 -3.63 -14.78
C LEU A 125 -17.72 -3.15 -15.03
N VAL A 126 -18.39 -3.73 -16.02
CA VAL A 126 -19.81 -3.33 -16.25
C VAL A 126 -20.80 -4.38 -15.78
N ARG A 127 -21.81 -3.95 -15.01
CA ARG A 127 -22.77 -4.86 -14.40
C ARG A 127 -24.13 -4.48 -14.93
N GLU A 128 -24.79 -5.44 -15.57
CA GLU A 128 -26.15 -5.19 -16.07
C GLU A 128 -26.99 -6.42 -15.90
N LEU A 129 -28.31 -6.21 -15.71
CA LEU A 129 -29.22 -7.32 -15.49
C LEU A 129 -29.79 -7.75 -16.81
N ILE A 130 -29.57 -9.00 -17.17
CA ILE A 130 -30.10 -9.52 -18.41
C ILE A 130 -30.87 -10.73 -17.98
N ASP A 131 -32.13 -10.87 -18.41
CA ASP A 131 -32.91 -12.09 -18.19
C ASP A 131 -32.90 -12.56 -16.72
N GLY A 132 -33.00 -11.60 -15.80
CA GLY A 132 -33.00 -11.86 -14.33
C GLY A 132 -31.66 -12.31 -13.76
N LYS A 133 -30.64 -12.15 -14.58
CA LYS A 133 -29.30 -12.58 -14.24
C LYS A 133 -28.46 -11.30 -14.21
N LEU A 134 -27.37 -11.33 -13.47
CA LEU A 134 -26.48 -10.18 -13.42
C LEU A 134 -25.25 -10.54 -14.25
N ILE A 135 -25.06 -9.83 -15.36
CA ILE A 135 -23.91 -10.11 -16.24
C ILE A 135 -22.83 -9.06 -16.05
N LEU A 136 -21.67 -9.51 -15.62
CA LEU A 136 -20.55 -8.63 -15.42
C LEU A 136 -19.63 -8.80 -16.62
N THR A 137 -19.37 -7.71 -17.32
CA THR A 137 -18.32 -7.65 -18.33
C THR A 137 -17.05 -6.94 -17.79
N LEU A 138 -15.94 -7.65 -17.76
CA LEU A 138 -14.69 -7.10 -17.36
C LEU A 138 -13.80 -6.81 -18.61
N THR A 139 -13.27 -5.59 -18.67
CA THR A 139 -12.43 -5.17 -19.81
C THR A 139 -11.13 -4.54 -19.33
N HIS A 140 -10.03 -5.11 -19.79
CA HIS A 140 -8.69 -4.59 -19.57
C HIS A 140 -7.98 -4.61 -20.92
N GLY A 141 -7.87 -3.41 -21.52
CA GLY A 141 -7.44 -3.28 -22.91
C GLY A 141 -8.19 -4.24 -23.80
N THR A 142 -7.47 -5.23 -24.27
CA THR A 142 -8.06 -6.21 -25.19
C THR A 142 -8.65 -7.46 -24.52
N ALA A 143 -8.34 -7.67 -23.24
CA ALA A 143 -8.84 -8.86 -22.52
C ALA A 143 -10.24 -8.56 -22.04
N VAL A 144 -11.22 -9.30 -22.56
CA VAL A 144 -12.62 -9.12 -22.17
C VAL A 144 -13.15 -10.44 -21.62
N CYS A 145 -13.95 -10.33 -20.57
CA CYS A 145 -14.41 -11.49 -19.82
C CYS A 145 -15.79 -11.19 -19.46
N THR A 146 -16.60 -12.22 -19.46
CA THR A 146 -17.99 -12.05 -19.14
C THR A 146 -18.23 -13.09 -18.00
N ARG A 147 -18.99 -12.69 -16.97
CA ARG A 147 -19.30 -13.52 -15.81
C ARG A 147 -20.75 -13.35 -15.45
N THR A 148 -21.48 -14.46 -15.42
CA THR A 148 -22.92 -14.48 -15.25
C THR A 148 -23.26 -15.01 -13.86
N TYR A 149 -24.08 -14.27 -13.11
CA TYR A 149 -24.49 -14.60 -11.74
C TYR A 149 -26.01 -14.76 -11.71
N GLU A 150 -26.48 -15.78 -10.96
CA GLU A 150 -27.92 -15.96 -10.73
C GLU A 150 -28.33 -15.39 -9.39
N LYS A 151 -29.48 -14.71 -9.36
CA LYS A 151 -30.08 -14.27 -8.10
C LYS A 151 -30.38 -15.41 -7.10
N GLU A 152 -29.90 -15.21 -5.87
CA GLU A 152 -30.04 -16.10 -4.72
C GLU A 152 -30.85 -15.40 -3.63
N MET B 21 35.09 -11.28 -26.46
CA MET B 21 34.09 -10.21 -26.87
C MET B 21 32.80 -10.41 -26.06
N VAL B 22 32.01 -11.36 -26.52
CA VAL B 22 31.08 -11.97 -25.66
C VAL B 22 31.75 -12.73 -24.51
N ASP B 23 32.97 -13.20 -24.66
CA ASP B 23 33.58 -14.12 -23.68
C ASP B 23 33.76 -13.49 -22.30
N ALA B 24 33.80 -12.18 -22.26
CA ALA B 24 33.90 -11.47 -20.99
C ALA B 24 32.61 -11.55 -20.17
N PHE B 25 31.51 -11.81 -20.84
CA PHE B 25 30.24 -12.07 -20.16
C PHE B 25 30.13 -13.44 -19.54
N LEU B 26 30.97 -14.42 -19.92
CA LEU B 26 30.67 -15.79 -19.50
C LEU B 26 30.89 -16.02 -18.00
N GLY B 27 30.09 -16.90 -17.42
CA GLY B 27 30.21 -17.25 -16.01
C GLY B 27 28.95 -16.90 -15.24
N THR B 28 29.11 -16.82 -13.93
CA THR B 28 28.00 -16.73 -12.96
C THR B 28 28.06 -15.40 -12.24
N TRP B 29 26.93 -14.66 -12.30
CA TRP B 29 26.82 -13.32 -11.79
C TRP B 29 25.71 -13.28 -10.77
N LYS B 30 25.93 -12.56 -9.67
CA LYS B 30 25.02 -12.64 -8.53
C LYS B 30 24.51 -11.25 -8.21
N LEU B 31 23.16 -11.07 -8.07
CA LEU B 31 22.59 -9.73 -7.88
C LEU B 31 23.05 -9.17 -6.55
N VAL B 32 23.58 -7.96 -6.56
CA VAL B 32 23.97 -7.25 -5.32
C VAL B 32 23.18 -5.94 -5.12
N ASP B 33 22.67 -5.38 -6.23
CA ASP B 33 21.90 -4.16 -6.16
C ASP B 33 20.76 -4.15 -7.18
N SER B 34 19.67 -3.48 -6.83
CA SER B 34 18.59 -3.33 -7.78
C SER B 34 17.90 -1.96 -7.64
N LYS B 35 17.62 -1.32 -8.76
CA LYS B 35 17.06 0.02 -8.73
C LYS B 35 15.83 0.13 -9.65
N ASN B 36 14.72 0.59 -9.06
CA ASN B 36 13.42 0.77 -9.71
C ASN B 36 12.78 -0.52 -10.27
N PHE B 37 13.12 -1.68 -9.70
CA PHE B 37 12.69 -2.96 -10.28
C PHE B 37 11.14 -3.09 -10.18
N ASP B 38 10.58 -2.61 -9.08
CA ASP B 38 9.14 -2.66 -8.85
C ASP B 38 8.36 -1.96 -9.97
N ASP B 39 8.76 -0.73 -10.29
CA ASP B 39 8.04 0.06 -11.27
C ASP B 39 8.21 -0.56 -12.65
N TYR B 40 9.40 -1.10 -12.93
CA TYR B 40 9.59 -1.76 -14.19
C TYR B 40 8.67 -2.99 -14.33
N MET B 41 8.60 -3.82 -13.30
CA MET B 41 7.72 -4.98 -13.34
C MET B 41 6.25 -4.55 -13.48
N LYS B 42 5.85 -3.53 -12.73
CA LYS B 42 4.50 -2.94 -12.81
C LYS B 42 4.14 -2.50 -14.23
N SER B 43 5.12 -1.92 -14.91
CA SER B 43 4.97 -1.49 -16.27
C SER B 43 4.63 -2.68 -17.17
N LEU B 44 5.20 -3.85 -16.84
CA LEU B 44 5.00 -5.06 -17.64
C LEU B 44 3.69 -5.78 -17.32
N GLY B 45 3.06 -5.33 -16.23
CA GLY B 45 1.80 -5.87 -15.80
C GLY B 45 2.05 -7.03 -14.87
N VAL B 46 3.18 -7.01 -14.16
CA VAL B 46 3.40 -8.03 -13.17
C VAL B 46 2.57 -7.63 -11.96
N GLY B 47 1.94 -8.61 -11.33
CA GLY B 47 1.04 -8.35 -10.22
C GLY B 47 1.72 -8.33 -8.87
N PHE B 48 0.92 -7.97 -7.86
CA PHE B 48 1.46 -7.58 -6.56
C PHE B 48 2.16 -8.72 -5.85
N ALA B 49 1.56 -9.90 -5.85
CA ALA B 49 2.17 -11.05 -5.23
C ALA B 49 3.47 -11.45 -5.90
N THR B 50 3.51 -11.39 -7.23
CA THR B 50 4.71 -11.74 -7.96
C THR B 50 5.82 -10.73 -7.70
N ARG B 51 5.44 -9.45 -7.70
CA ARG B 51 6.35 -8.34 -7.52
C ARG B 51 6.97 -8.38 -6.14
N GLN B 52 6.21 -8.82 -5.13
N GLN B 52 6.20 -8.87 -5.16
CA GLN B 52 6.71 -8.84 -3.75
CA GLN B 52 6.62 -8.88 -3.78
C GLN B 52 7.84 -9.82 -3.61
C GLN B 52 7.79 -9.82 -3.59
N VAL B 53 7.64 -11.04 -4.09
CA VAL B 53 8.68 -12.08 -3.97
C VAL B 53 9.90 -11.77 -4.83
N ALA B 54 9.65 -11.45 -6.09
CA ALA B 54 10.67 -11.24 -7.07
C ALA B 54 11.65 -10.14 -6.61
N SER B 55 11.11 -9.08 -6.03
CA SER B 55 11.93 -7.95 -5.65
C SER B 55 12.82 -8.33 -4.49
N MET B 56 12.35 -9.26 -3.66
CA MET B 56 13.12 -9.62 -2.48
C MET B 56 14.25 -10.62 -2.77
N THR B 57 14.14 -11.32 -3.91
CA THR B 57 15.06 -12.42 -4.23
C THR B 57 16.40 -11.89 -4.74
N LYS B 58 17.44 -12.69 -4.66
CA LYS B 58 18.75 -12.34 -5.19
C LYS B 58 19.19 -13.40 -6.20
N PRO B 59 18.77 -13.24 -7.49
CA PRO B 59 19.07 -14.22 -8.54
C PRO B 59 20.52 -14.21 -9.05
N THR B 60 20.92 -15.37 -9.52
CA THR B 60 22.11 -15.61 -10.31
C THR B 60 21.74 -15.56 -11.81
N THR B 61 22.55 -14.91 -12.65
CA THR B 61 22.48 -15.01 -14.10
C THR B 61 23.72 -15.77 -14.55
N ILE B 62 23.53 -16.82 -15.34
CA ILE B 62 24.66 -17.57 -15.83
C ILE B 62 24.63 -17.46 -17.34
N ILE B 63 25.77 -17.12 -17.89
CA ILE B 63 25.88 -16.89 -19.30
C ILE B 63 26.92 -17.89 -19.79
N GLU B 64 26.55 -18.68 -20.80
CA GLU B 64 27.40 -19.79 -21.31
C GLU B 64 27.42 -19.66 -22.82
N LYS B 65 28.44 -20.28 -23.43
CA LYS B 65 28.60 -20.25 -24.87
C LYS B 65 28.98 -21.63 -25.34
N ASN B 66 28.37 -22.07 -26.43
CA ASN B 66 28.69 -23.35 -27.03
C ASN B 66 28.71 -23.22 -28.53
N GLY B 67 29.90 -23.02 -29.08
CA GLY B 67 30.00 -22.59 -30.49
C GLY B 67 29.38 -21.21 -30.57
N ASP B 68 28.41 -21.01 -31.44
CA ASP B 68 27.80 -19.68 -31.54
C ASP B 68 26.38 -19.64 -30.95
N ILE B 69 26.04 -20.63 -30.12
CA ILE B 69 24.77 -20.60 -29.43
C ILE B 69 25.02 -20.18 -28.00
N LEU B 70 24.35 -19.09 -27.62
CA LEU B 70 24.50 -18.60 -26.25
C LEU B 70 23.36 -19.10 -25.37
N THR B 71 23.62 -19.30 -24.09
CA THR B 71 22.58 -19.62 -23.15
C THR B 71 22.67 -18.65 -22.00
N LEU B 72 21.53 -18.14 -21.57
CA LEU B 72 21.50 -17.27 -20.43
C LEU B 72 20.47 -17.89 -19.49
N LYS B 73 20.95 -18.32 -18.33
CA LYS B 73 20.10 -18.96 -17.31
C LYS B 73 19.85 -17.96 -16.19
N THR B 74 18.61 -17.90 -15.68
CA THR B 74 18.33 -17.12 -14.46
C THR B 74 17.97 -18.09 -13.32
N HIS B 75 18.78 -18.12 -12.27
CA HIS B 75 18.54 -19.07 -11.14
C HIS B 75 18.21 -18.36 -9.84
N SER B 76 17.17 -18.81 -9.15
CA SER B 76 16.71 -18.15 -7.94
C SER B 76 15.75 -19.03 -7.18
N THR B 77 15.48 -18.61 -5.95
CA THR B 77 14.54 -19.29 -5.09
C THR B 77 13.16 -19.01 -5.57
N PHE B 78 13.03 -18.08 -6.49
CA PHE B 78 11.73 -17.69 -6.93
C PHE B 78 11.40 -18.39 -8.25
N LYS B 79 11.85 -17.84 -9.37
CA LYS B 79 11.81 -18.66 -10.60
C LYS B 79 13.17 -18.95 -11.21
N ASN B 80 13.16 -19.95 -12.08
CA ASN B 80 14.34 -20.35 -12.80
C ASN B 80 13.95 -20.43 -14.25
N THR B 81 14.74 -19.78 -15.12
CA THR B 81 14.48 -19.72 -16.54
C THR B 81 15.78 -19.84 -17.28
N GLU B 82 15.65 -20.19 -18.55
CA GLU B 82 16.78 -20.44 -19.41
C GLU B 82 16.41 -20.08 -20.86
N ILE B 83 17.30 -19.35 -21.55
CA ILE B 83 17.14 -19.12 -22.98
C ILE B 83 18.43 -19.46 -23.72
N SER B 84 18.27 -20.07 -24.90
CA SER B 84 19.41 -20.36 -25.77
C SER B 84 19.10 -19.71 -27.12
N PHE B 85 20.10 -19.19 -27.82
CA PHE B 85 19.81 -18.34 -28.99
C PHE B 85 21.11 -18.01 -29.69
N LYS B 86 21.02 -17.69 -30.97
CA LYS B 86 22.19 -17.11 -31.70
C LYS B 86 22.02 -15.62 -31.87
N LEU B 87 23.14 -14.90 -31.83
CA LEU B 87 23.11 -13.46 -31.93
C LEU B 87 22.48 -13.00 -33.24
N GLY B 88 21.53 -12.09 -33.16
CA GLY B 88 20.90 -11.56 -34.36
C GLY B 88 19.91 -12.52 -35.02
N VAL B 89 19.46 -13.52 -34.27
CA VAL B 89 18.54 -14.51 -34.87
C VAL B 89 17.40 -14.65 -33.90
N GLU B 90 16.24 -14.20 -34.33
CA GLU B 90 15.01 -14.11 -33.56
C GLU B 90 14.56 -15.47 -33.02
N PHE B 91 14.04 -15.48 -31.81
CA PHE B 91 13.65 -16.72 -31.16
C PHE B 91 12.45 -16.51 -30.25
N ASP B 92 11.62 -17.53 -30.11
CA ASP B 92 10.53 -17.51 -29.15
C ASP B 92 11.13 -17.59 -27.73
N GLU B 93 10.47 -16.92 -26.77
CA GLU B 93 10.86 -16.95 -25.37
C GLU B 93 9.59 -16.85 -24.55
N THR B 94 9.55 -17.64 -23.49
CA THR B 94 8.56 -17.50 -22.45
C THR B 94 9.27 -16.89 -21.24
N THR B 95 8.90 -15.68 -20.83
CA THR B 95 9.64 -14.97 -19.79
C THR B 95 9.29 -15.44 -18.41
N ALA B 96 10.16 -15.07 -17.48
CA ALA B 96 10.02 -15.39 -16.09
C ALA B 96 8.62 -15.04 -15.57
N ASP B 97 8.08 -13.95 -16.10
CA ASP B 97 6.80 -13.45 -15.69
C ASP B 97 5.75 -13.87 -16.70
N ASP B 98 6.09 -14.95 -17.43
CA ASP B 98 5.21 -15.67 -18.34
C ASP B 98 4.55 -14.83 -19.42
N ARG B 99 5.33 -13.90 -19.98
CA ARG B 99 4.96 -13.29 -21.24
C ARG B 99 5.53 -14.22 -22.28
N LYS B 100 4.80 -14.40 -23.39
CA LYS B 100 5.28 -15.19 -24.52
C LYS B 100 5.68 -14.22 -25.61
N VAL B 101 7.00 -14.13 -25.86
CA VAL B 101 7.57 -13.09 -26.75
C VAL B 101 8.42 -13.62 -27.93
N LYS B 102 8.65 -12.77 -28.95
CA LYS B 102 9.74 -12.93 -29.92
C LYS B 102 10.92 -12.05 -29.48
N SER B 103 12.09 -12.67 -29.36
CA SER B 103 13.28 -12.01 -28.86
C SER B 103 14.38 -12.02 -29.90
N ILE B 104 15.26 -11.05 -29.79
CA ILE B 104 16.50 -11.01 -30.58
C ILE B 104 17.57 -10.39 -29.71
N VAL B 105 18.74 -11.00 -29.70
CA VAL B 105 19.85 -10.50 -28.88
C VAL B 105 21.01 -10.26 -29.83
N THR B 106 21.56 -9.04 -29.79
CA THR B 106 22.72 -8.69 -30.58
C THR B 106 23.80 -8.13 -29.67
N LEU B 107 25.00 -8.04 -30.18
CA LEU B 107 26.12 -7.45 -29.46
C LEU B 107 26.38 -6.07 -30.08
N ASP B 108 26.28 -5.04 -29.27
CA ASP B 108 26.46 -3.70 -29.80
C ASP B 108 27.67 -3.07 -29.07
N GLY B 109 28.84 -3.36 -29.62
CA GLY B 109 30.10 -2.91 -29.05
C GLY B 109 30.25 -3.16 -27.55
N GLY B 110 30.38 -4.44 -27.19
CA GLY B 110 30.50 -4.81 -25.76
C GLY B 110 29.22 -4.84 -24.94
N LYS B 111 28.10 -4.38 -25.50
CA LYS B 111 26.82 -4.50 -24.80
C LYS B 111 25.94 -5.53 -25.48
N LEU B 112 25.30 -6.38 -24.67
CA LEU B 112 24.37 -7.39 -25.13
C LEU B 112 22.95 -6.82 -25.11
N VAL B 113 22.35 -6.60 -26.28
CA VAL B 113 21.04 -5.91 -26.36
C VAL B 113 19.95 -6.94 -26.62
N HIS B 114 19.06 -7.13 -25.66
CA HIS B 114 18.00 -8.16 -25.69
C HIS B 114 16.66 -7.43 -25.92
N LEU B 115 16.09 -7.57 -27.12
CA LEU B 115 14.82 -6.94 -27.49
C LEU B 115 13.67 -7.98 -27.45
N GLN B 116 12.61 -7.71 -26.69
CA GLN B 116 11.48 -8.63 -26.62
C GLN B 116 10.22 -7.95 -27.15
N LYS B 117 9.49 -8.63 -28.02
CA LYS B 117 8.16 -8.12 -28.49
C LYS B 117 7.03 -9.07 -28.18
N TRP B 118 5.91 -8.52 -27.70
CA TRP B 118 4.70 -9.30 -27.49
C TRP B 118 3.46 -8.38 -27.40
N ASP B 119 2.34 -8.84 -27.94
CA ASP B 119 1.08 -8.08 -28.01
C ASP B 119 1.32 -6.60 -28.36
N GLY B 120 2.06 -6.34 -29.44
CA GLY B 120 2.36 -4.94 -29.79
C GLY B 120 3.31 -4.17 -28.85
N GLN B 121 3.76 -4.82 -27.77
CA GLN B 121 4.68 -4.13 -26.85
C GLN B 121 6.16 -4.47 -27.07
N GLU B 122 7.03 -3.64 -26.50
CA GLU B 122 8.49 -3.84 -26.56
C GLU B 122 9.16 -3.56 -25.22
N THR B 123 10.13 -4.40 -24.85
CA THR B 123 11.01 -4.10 -23.73
C THR B 123 12.41 -4.47 -24.15
N THR B 124 13.35 -3.73 -23.59
CA THR B 124 14.75 -3.87 -23.87
C THR B 124 15.50 -4.21 -22.62
N LEU B 125 16.36 -5.22 -22.71
CA LEU B 125 17.24 -5.60 -21.62
C LEU B 125 18.66 -5.43 -22.11
N VAL B 126 19.34 -4.38 -21.62
CA VAL B 126 20.76 -4.16 -21.99
C VAL B 126 21.67 -4.73 -20.91
N ARG B 127 22.73 -5.42 -21.30
CA ARG B 127 23.71 -5.91 -20.35
C ARG B 127 25.11 -5.49 -20.77
N GLU B 128 25.83 -4.88 -19.83
CA GLU B 128 27.21 -4.49 -20.06
C GLU B 128 28.09 -4.63 -18.81
N LEU B 129 29.41 -4.66 -19.03
CA LEU B 129 30.38 -4.86 -17.98
C LEU B 129 30.89 -3.50 -17.54
N ILE B 130 30.73 -3.21 -16.26
CA ILE B 130 31.09 -1.93 -15.72
C ILE B 130 31.75 -2.29 -14.43
N ASP B 131 32.98 -1.79 -14.25
CA ASP B 131 33.79 -1.98 -13.04
C ASP B 131 33.79 -3.44 -12.62
N GLY B 132 33.98 -4.30 -13.63
CA GLY B 132 34.02 -5.77 -13.44
C GLY B 132 32.72 -6.36 -12.90
N LYS B 133 31.63 -5.61 -13.02
CA LYS B 133 30.34 -6.08 -12.55
C LYS B 133 29.49 -6.21 -13.78
N LEU B 134 28.36 -6.89 -13.68
CA LEU B 134 27.48 -6.94 -14.84
C LEU B 134 26.29 -6.04 -14.59
N ILE B 135 26.10 -5.03 -15.45
CA ILE B 135 24.96 -4.08 -15.25
C ILE B 135 23.87 -4.29 -16.30
N LEU B 136 22.69 -4.68 -15.83
CA LEU B 136 21.56 -4.90 -16.69
C LEU B 136 20.64 -3.72 -16.57
N THR B 137 20.31 -3.11 -17.71
CA THR B 137 19.30 -2.08 -17.78
C THR B 137 18.04 -2.54 -18.47
N LEU B 138 16.93 -2.50 -17.75
CA LEU B 138 15.68 -2.93 -18.29
C LEU B 138 14.83 -1.68 -18.59
N THR B 139 14.30 -1.61 -19.81
CA THR B 139 13.48 -0.48 -20.21
C THR B 139 12.20 -0.97 -20.82
N HIS B 140 11.11 -0.50 -20.24
CA HIS B 140 9.78 -0.66 -20.82
C HIS B 140 9.10 0.70 -20.98
N GLY B 141 9.01 1.20 -22.21
CA GLY B 141 8.56 2.57 -22.46
C GLY B 141 9.35 3.59 -21.66
N THR B 142 8.76 4.14 -20.63
CA THR B 142 9.52 5.14 -19.86
C THR B 142 10.11 4.57 -18.53
N ALA B 143 9.66 3.38 -18.14
CA ALA B 143 10.10 2.74 -16.92
C ALA B 143 11.47 2.06 -17.07
N VAL B 144 12.45 2.59 -16.34
CA VAL B 144 13.79 2.03 -16.32
C VAL B 144 14.20 1.47 -14.94
N CYS B 145 14.82 0.29 -14.98
CA CYS B 145 15.41 -0.43 -13.88
C CYS B 145 16.86 -0.83 -14.21
N THR B 146 17.74 -0.75 -13.20
CA THR B 146 19.13 -1.18 -13.27
C THR B 146 19.34 -2.24 -12.21
N ARG B 147 19.93 -3.36 -12.59
CA ARG B 147 20.27 -4.42 -11.65
C ARG B 147 21.76 -4.73 -11.74
N THR B 148 22.46 -4.69 -10.60
CA THR B 148 23.94 -4.90 -10.58
C THR B 148 24.27 -6.31 -10.09
N TYR B 149 25.06 -7.05 -10.87
CA TYR B 149 25.46 -8.39 -10.53
C TYR B 149 27.00 -8.50 -10.40
N GLU B 150 27.44 -9.16 -9.34
CA GLU B 150 28.89 -9.36 -9.14
C GLU B 150 29.26 -10.73 -9.64
N LYS B 151 30.45 -10.82 -10.21
CA LYS B 151 31.01 -12.09 -10.70
C LYS B 151 31.30 -13.07 -9.58
N GLU B 152 30.93 -14.33 -9.80
CA GLU B 152 31.08 -15.39 -8.82
C GLU B 152 31.59 -16.70 -9.47
N MET C 21 -8.41 15.35 -1.59
CA MET C 21 -7.76 14.01 -1.44
C MET C 21 -7.46 13.73 0.04
N VAL C 22 -7.46 12.45 0.42
CA VAL C 22 -7.57 12.08 1.83
C VAL C 22 -6.39 12.55 2.69
N ASP C 23 -5.22 12.73 2.07
CA ASP C 23 -4.02 12.97 2.86
C ASP C 23 -3.93 14.38 3.42
N ALA C 24 -4.55 15.34 2.76
CA ALA C 24 -4.47 16.72 3.21
C ALA C 24 -5.30 16.95 4.49
N PHE C 25 -6.17 16.00 4.84
CA PHE C 25 -6.92 16.11 6.12
C PHE C 25 -6.09 15.58 7.32
N LEU C 26 -5.23 14.59 7.08
CA LEU C 26 -4.40 13.98 8.13
C LEU C 26 -3.55 14.97 8.95
N GLY C 27 -3.38 14.69 10.25
CA GLY C 27 -2.58 15.57 11.15
C GLY C 27 -3.32 16.06 12.38
N THR C 28 -2.78 17.09 13.02
CA THR C 28 -3.27 17.58 14.30
C THR C 28 -3.73 19.04 14.17
N TRP C 29 -4.98 19.28 14.61
CA TRP C 29 -5.65 20.51 14.31
C TRP C 29 -6.27 21.11 15.57
N LYS C 30 -6.24 22.43 15.69
CA LYS C 30 -6.55 23.06 16.96
C LYS C 30 -7.56 24.21 16.80
N LEU C 31 -8.73 24.09 17.43
CA LEU C 31 -9.78 25.12 17.27
C LEU C 31 -9.32 26.50 17.70
N VAL C 32 -9.51 27.48 16.79
CA VAL C 32 -9.21 28.86 17.05
C VAL C 32 -10.45 29.76 16.95
N ASP C 33 -11.58 29.23 16.49
CA ASP C 33 -12.79 30.06 16.30
C ASP C 33 -14.04 29.23 16.22
N SER C 34 -15.14 29.81 16.68
CA SER C 34 -16.39 29.12 16.78
C SER C 34 -17.57 30.06 16.59
N LYS C 35 -18.44 29.67 15.67
CA LYS C 35 -19.66 30.42 15.35
C LYS C 35 -20.88 29.56 15.60
N ASN C 36 -21.68 29.96 16.57
CA ASN C 36 -23.02 29.47 16.67
C ASN C 36 -23.09 28.10 17.36
N PHE C 37 -22.03 27.78 18.11
CA PHE C 37 -21.93 26.45 18.72
C PHE C 37 -23.05 26.23 19.76
N ASP C 38 -23.37 27.23 20.58
N ASP C 38 -23.36 27.27 20.53
CA ASP C 38 -24.39 27.06 21.66
CA ASP C 38 -24.33 27.14 21.60
C ASP C 38 -25.76 26.72 21.05
C ASP C 38 -25.73 26.76 21.06
N ASP C 39 -26.11 27.42 19.97
CA ASP C 39 -27.42 27.18 19.34
C ASP C 39 -27.51 25.80 18.64
N TYR C 40 -26.42 25.39 18.01
CA TYR C 40 -26.30 24.02 17.51
C TYR C 40 -26.45 22.93 18.61
N MET C 41 -25.73 23.09 19.73
CA MET C 41 -25.83 22.15 20.85
C MET C 41 -27.25 22.17 21.42
N LYS C 42 -27.78 23.38 21.64
CA LYS C 42 -29.18 23.45 22.13
C LYS C 42 -30.12 22.62 21.26
N SER C 43 -29.87 22.61 19.95
CA SER C 43 -30.78 21.88 19.04
C SER C 43 -30.67 20.35 19.10
N LEU C 44 -29.56 19.84 19.66
CA LEU C 44 -29.37 18.42 19.88
C LEU C 44 -29.82 17.99 21.24
N GLY C 45 -30.31 18.94 22.03
CA GLY C 45 -30.68 18.73 23.44
C GLY C 45 -29.49 18.61 24.41
N VAL C 46 -28.32 19.15 24.04
CA VAL C 46 -27.18 19.16 24.99
C VAL C 46 -27.59 20.00 26.24
N GLY C 47 -27.42 19.44 27.44
CA GLY C 47 -27.77 20.09 28.69
C GLY C 47 -26.92 21.31 29.00
N PHE C 48 -27.47 22.28 29.74
CA PHE C 48 -26.75 23.47 30.14
C PHE C 48 -25.32 23.22 30.68
N ALA C 49 -25.16 22.30 31.62
CA ALA C 49 -23.87 22.10 32.28
C ALA C 49 -22.79 21.72 31.29
N THR C 50 -23.15 20.87 30.31
CA THR C 50 -22.28 20.42 29.27
C THR C 50 -21.98 21.58 28.34
N ARG C 51 -23.02 22.29 27.90
CA ARG C 51 -22.85 23.45 27.01
C ARG C 51 -21.88 24.54 27.54
N GLN C 52 -22.02 24.89 28.81
CA GLN C 52 -21.14 25.87 29.39
C GLN C 52 -19.66 25.52 29.25
N VAL C 53 -19.34 24.25 29.40
CA VAL C 53 -17.96 23.79 29.32
C VAL C 53 -17.54 23.63 27.83
N ALA C 54 -18.34 22.90 27.06
CA ALA C 54 -18.10 22.59 25.65
C ALA C 54 -17.89 23.86 24.77
N SER C 55 -18.67 24.90 25.00
CA SER C 55 -18.46 26.13 24.19
C SER C 55 -17.20 26.90 24.55
N MET C 56 -16.58 26.60 25.71
CA MET C 56 -15.35 27.32 26.12
C MET C 56 -14.04 26.56 26.07
N THR C 57 -14.07 25.31 25.65
CA THR C 57 -12.90 24.45 25.72
C THR C 57 -12.44 24.32 24.29
N LYS C 58 -11.14 24.34 24.07
CA LYS C 58 -10.61 24.33 22.73
C LYS C 58 -10.03 22.98 22.31
N PRO C 59 -10.87 22.04 21.85
CA PRO C 59 -10.39 20.71 21.56
C PRO C 59 -9.34 20.65 20.44
N THR C 60 -8.63 19.54 20.37
CA THR C 60 -7.79 19.15 19.27
C THR C 60 -8.41 18.01 18.53
N THR C 61 -8.29 18.06 17.22
CA THR C 61 -8.77 17.00 16.35
C THR C 61 -7.52 16.35 15.74
N ILE C 62 -7.39 15.05 15.91
CA ILE C 62 -6.30 14.37 15.30
C ILE C 62 -6.91 13.38 14.35
N ILE C 63 -6.55 13.51 13.09
CA ILE C 63 -6.95 12.60 12.02
C ILE C 63 -5.75 11.76 11.59
N GLU C 64 -5.90 10.43 11.67
CA GLU C 64 -4.90 9.50 11.18
C GLU C 64 -5.46 8.43 10.24
N LYS C 65 -4.55 7.81 9.48
CA LYS C 65 -4.92 6.80 8.51
C LYS C 65 -3.99 5.62 8.68
N ASN C 66 -4.51 4.54 9.24
CA ASN C 66 -3.71 3.34 9.41
C ASN C 66 -4.23 2.23 8.50
N GLY C 67 -3.58 2.07 7.34
CA GLY C 67 -4.16 1.29 6.28
C GLY C 67 -5.22 2.19 5.69
N ASP C 68 -6.35 1.57 5.31
CA ASP C 68 -7.53 2.29 4.83
C ASP C 68 -8.63 2.30 5.94
N ILE C 69 -8.16 2.44 7.18
CA ILE C 69 -8.99 2.66 8.38
C ILE C 69 -8.62 4.02 8.95
N LEU C 70 -9.55 4.97 8.94
CA LEU C 70 -9.23 6.31 9.43
C LEU C 70 -9.53 6.40 10.91
N THR C 71 -8.89 7.33 11.61
CA THR C 71 -9.18 7.52 13.04
C THR C 71 -9.30 8.99 13.30
N LEU C 72 -10.39 9.42 13.92
CA LEU C 72 -10.54 10.82 14.25
C LEU C 72 -10.66 10.98 15.76
N LYS C 73 -9.74 11.73 16.33
CA LYS C 73 -9.65 11.86 17.74
C LYS C 73 -9.93 13.27 18.08
N THR C 74 -10.61 13.45 19.21
CA THR C 74 -10.98 14.77 19.66
C THR C 74 -10.50 14.78 21.08
N HIS C 75 -9.58 15.68 21.35
CA HIS C 75 -8.91 15.73 22.65
C HIS C 75 -9.03 17.06 23.38
N SER C 76 -9.33 16.95 24.67
CA SER C 76 -9.44 18.06 25.58
C SER C 76 -9.42 17.58 27.02
N THR C 77 -9.30 18.53 27.94
CA THR C 77 -9.32 18.24 29.37
C THR C 77 -10.67 17.62 29.80
N PHE C 78 -11.70 18.08 29.12
CA PHE C 78 -13.05 17.84 29.51
C PHE C 78 -13.57 16.51 28.92
N LYS C 79 -13.42 16.34 27.61
CA LYS C 79 -13.92 15.18 26.91
C LYS C 79 -13.02 14.77 25.76
N ASN C 80 -12.92 13.47 25.59
CA ASN C 80 -12.12 12.84 24.57
C ASN C 80 -13.02 11.89 23.83
N THR C 81 -12.86 11.85 22.53
CA THR C 81 -13.57 10.89 21.71
C THR C 81 -12.64 10.33 20.65
N GLU C 82 -12.96 9.14 20.15
CA GLU C 82 -12.18 8.52 19.12
C GLU C 82 -13.09 7.59 18.36
N ILE C 83 -13.16 7.79 17.06
CA ILE C 83 -13.87 6.88 16.14
C ILE C 83 -12.90 6.35 15.06
N SER C 84 -13.05 5.08 14.68
CA SER C 84 -12.28 4.50 13.58
C SER C 84 -13.22 3.95 12.56
N PHE C 85 -13.06 4.33 11.31
CA PHE C 85 -14.01 3.86 10.31
C PHE C 85 -13.34 3.61 8.96
N LYS C 86 -14.04 2.84 8.10
CA LYS C 86 -13.69 2.71 6.71
C LYS C 86 -14.73 3.57 6.03
N LEU C 87 -14.29 4.33 5.02
CA LEU C 87 -15.16 5.25 4.31
C LEU C 87 -16.35 4.51 3.69
N GLY C 88 -17.55 5.02 3.95
CA GLY C 88 -18.69 4.40 3.34
C GLY C 88 -19.21 3.23 4.12
N VAL C 89 -18.56 2.88 5.26
CA VAL C 89 -19.05 1.80 6.08
C VAL C 89 -19.60 2.25 7.44
N GLU C 90 -20.87 1.93 7.66
CA GLU C 90 -21.64 2.42 8.78
C GLU C 90 -21.11 1.83 10.05
N PHE C 91 -21.00 2.67 11.09
CA PHE C 91 -20.56 2.23 12.41
C PHE C 91 -21.36 2.93 13.52
N ASP C 92 -21.45 2.25 14.67
CA ASP C 92 -22.09 2.81 15.85
C ASP C 92 -21.16 3.84 16.42
N GLU C 93 -21.70 4.96 16.82
CA GLU C 93 -20.88 5.99 17.46
C GLU C 93 -21.64 6.51 18.66
N THR C 94 -20.90 6.73 19.75
CA THR C 94 -21.43 7.41 20.91
C THR C 94 -20.79 8.80 20.93
N THR C 95 -21.60 9.86 20.75
CA THR C 95 -21.00 11.18 20.48
C THR C 95 -20.61 11.86 21.78
N ALA C 96 -19.92 12.99 21.66
CA ALA C 96 -19.48 13.78 22.81
C ALA C 96 -20.59 14.09 23.81
N ASP C 97 -21.80 14.34 23.28
CA ASP C 97 -22.99 14.67 24.07
C ASP C 97 -23.86 13.45 24.32
N ASP C 98 -23.28 12.26 24.11
CA ASP C 98 -23.88 10.97 24.49
C ASP C 98 -25.05 10.45 23.66
N ARG C 99 -25.19 11.00 22.48
CA ARG C 99 -26.06 10.43 21.46
C ARG C 99 -25.44 9.15 20.91
N LYS C 100 -26.23 8.10 20.83
CA LYS C 100 -25.81 6.82 20.32
C LYS C 100 -26.31 6.87 18.88
N VAL C 101 -25.41 7.07 17.94
CA VAL C 101 -25.81 7.30 16.55
C VAL C 101 -25.28 6.25 15.59
N LYS C 102 -25.84 6.21 14.37
CA LYS C 102 -25.30 5.33 13.35
C LYS C 102 -24.55 6.26 12.41
N SER C 103 -23.31 5.94 12.07
CA SER C 103 -22.50 6.93 11.40
C SER C 103 -21.85 6.38 10.18
N ILE C 104 -21.68 7.28 9.20
CA ILE C 104 -20.96 7.00 7.99
C ILE C 104 -20.11 8.23 7.62
N VAL C 105 -18.92 7.99 7.10
CA VAL C 105 -18.04 9.06 6.69
C VAL C 105 -17.57 8.73 5.29
N THR C 106 -17.54 9.74 4.43
CA THR C 106 -17.11 9.49 3.06
C THR C 106 -16.34 10.71 2.62
N LEU C 107 -15.46 10.49 1.68
CA LEU C 107 -14.70 11.58 1.14
C LEU C 107 -15.27 11.93 -0.22
N ASP C 108 -16.03 13.02 -0.25
CA ASP C 108 -16.79 13.40 -1.46
C ASP C 108 -16.09 14.57 -2.15
N GLY C 109 -15.25 14.27 -3.13
CA GLY C 109 -14.42 15.29 -3.77
C GLY C 109 -13.88 16.35 -2.79
N GLY C 110 -12.93 15.97 -1.94
CA GLY C 110 -12.32 16.98 -1.05
C GLY C 110 -13.11 17.54 0.13
N LYS C 111 -14.33 17.06 0.35
CA LYS C 111 -14.92 17.28 1.68
C LYS C 111 -15.11 15.97 2.38
N LEU C 112 -14.70 15.98 3.63
CA LEU C 112 -14.82 14.84 4.49
C LEU C 112 -16.19 14.98 5.15
N VAL C 113 -17.12 14.15 4.71
CA VAL C 113 -18.54 14.29 5.01
C VAL C 113 -18.91 13.24 6.05
N HIS C 114 -19.19 13.70 7.26
CA HIS C 114 -19.54 12.82 8.33
C HIS C 114 -21.03 12.90 8.61
N LEU C 115 -21.75 11.79 8.43
CA LEU C 115 -23.21 11.77 8.61
C LEU C 115 -23.67 10.89 9.78
N GLN C 116 -24.45 11.49 10.67
CA GLN C 116 -24.85 10.78 11.86
C GLN C 116 -26.35 10.76 11.84
N LYS C 117 -26.91 9.60 12.21
CA LYS C 117 -28.34 9.37 12.19
C LYS C 117 -28.76 8.77 13.49
N TRP C 118 -29.82 9.31 14.06
CA TRP C 118 -30.40 8.76 15.26
C TRP C 118 -31.79 9.34 15.31
N ASP C 119 -32.68 8.66 16.00
CA ASP C 119 -34.01 9.18 16.30
C ASP C 119 -34.63 9.74 15.00
N GLY C 120 -34.45 9.04 13.90
CA GLY C 120 -35.00 9.47 12.63
C GLY C 120 -34.64 10.86 12.17
N GLN C 121 -33.52 11.39 12.67
CA GLN C 121 -33.00 12.67 12.17
C GLN C 121 -31.54 12.57 11.80
N GLU C 122 -30.92 13.70 11.54
CA GLU C 122 -29.55 13.71 11.08
C GLU C 122 -28.94 15.00 11.46
N THR C 123 -27.62 14.99 11.40
CA THR C 123 -26.73 16.13 11.52
C THR C 123 -25.51 15.69 10.75
N THR C 124 -24.95 16.60 10.00
CA THR C 124 -23.79 16.30 9.21
C THR C 124 -22.69 17.15 9.78
N LEU C 125 -21.49 16.62 9.70
CA LEU C 125 -20.28 17.29 10.15
C LEU C 125 -19.36 17.27 8.94
N VAL C 126 -19.19 18.43 8.31
CA VAL C 126 -18.39 18.48 7.11
C VAL C 126 -17.11 19.26 7.30
N ARG C 127 -16.01 18.64 6.95
CA ARG C 127 -14.72 19.33 7.07
C ARG C 127 -14.16 19.64 5.69
N GLU C 128 -13.74 20.89 5.49
CA GLU C 128 -12.92 21.24 4.33
C GLU C 128 -11.72 22.08 4.68
N LEU C 129 -10.73 22.09 3.78
CA LEU C 129 -9.55 22.95 3.95
C LEU C 129 -9.73 24.23 3.17
N ILE C 130 -9.54 25.35 3.86
CA ILE C 130 -9.64 26.68 3.30
C ILE C 130 -8.45 27.42 3.90
N ASP C 131 -7.56 27.90 3.03
CA ASP C 131 -6.39 28.69 3.46
C ASP C 131 -5.50 27.95 4.48
N GLY C 132 -5.20 26.69 4.19
CA GLY C 132 -4.47 25.86 5.14
C GLY C 132 -5.20 25.58 6.46
N LYS C 133 -6.40 26.14 6.66
CA LYS C 133 -7.16 25.92 7.89
C LYS C 133 -8.26 24.90 7.66
N LEU C 134 -8.58 24.13 8.72
CA LEU C 134 -9.65 23.13 8.69
C LEU C 134 -10.96 23.65 9.26
N ILE C 135 -11.99 23.47 8.45
CA ILE C 135 -13.27 24.12 8.64
C ILE C 135 -14.41 23.09 8.73
N LEU C 136 -14.95 23.03 9.93
CA LEU C 136 -15.95 22.08 10.26
C LEU C 136 -17.24 22.84 10.18
N THR C 137 -18.15 22.39 9.32
CA THR C 137 -19.47 22.90 9.34
C THR C 137 -20.33 21.79 9.89
N LEU C 138 -21.08 22.17 10.92
CA LEU C 138 -21.99 21.33 11.65
C LEU C 138 -23.41 21.80 11.37
N THR C 139 -24.24 20.92 10.80
CA THR C 139 -25.62 21.26 10.48
C THR C 139 -26.63 20.30 11.09
N HIS C 140 -27.64 20.87 11.72
CA HIS C 140 -28.73 20.10 12.27
C HIS C 140 -30.01 20.91 12.06
N GLY C 141 -30.80 20.55 11.06
CA GLY C 141 -32.00 21.34 10.71
C GLY C 141 -31.50 22.71 10.27
N THR C 142 -32.10 23.77 10.80
CA THR C 142 -31.72 25.16 10.53
C THR C 142 -30.62 25.72 11.48
N ALA C 143 -30.15 24.92 12.42
CA ALA C 143 -29.02 25.31 13.26
C ALA C 143 -27.74 24.87 12.56
N VAL C 144 -26.94 25.83 12.09
CA VAL C 144 -25.65 25.57 11.41
C VAL C 144 -24.55 26.24 12.22
N CYS C 145 -23.47 25.50 12.48
CA CYS C 145 -22.36 26.04 13.25
C CYS C 145 -21.10 25.91 12.44
N THR C 146 -20.18 26.89 12.57
CA THR C 146 -18.84 26.85 11.97
C THR C 146 -17.66 26.85 12.97
N ARG C 147 -16.73 25.94 12.74
CA ARG C 147 -15.62 25.72 13.64
C ARG C 147 -14.36 25.51 12.88
N THR C 148 -13.37 26.35 13.19
CA THR C 148 -12.20 26.60 12.39
C THR C 148 -11.00 26.16 13.18
N TYR C 149 -10.26 25.20 12.63
CA TYR C 149 -9.04 24.70 13.28
C TYR C 149 -7.75 25.01 12.48
N GLU C 150 -6.65 25.17 13.20
CA GLU C 150 -5.33 25.37 12.58
C GLU C 150 -4.40 24.21 12.85
N LYS C 151 -3.50 23.97 11.90
CA LYS C 151 -2.51 22.89 12.02
C LYS C 151 -1.50 23.23 13.11
N GLU C 152 -1.05 22.18 13.80
CA GLU C 152 -0.02 22.29 14.82
C GLU C 152 1.16 21.36 14.46
N MET D 21 5.42 15.54 20.95
CA MET D 21 6.17 15.57 19.67
C MET D 21 6.45 14.17 19.10
N VAL D 22 6.65 13.19 19.99
CA VAL D 22 6.88 11.83 19.55
C VAL D 22 5.59 11.26 19.00
N ASP D 23 4.45 11.80 19.44
CA ASP D 23 3.15 11.12 19.27
C ASP D 23 2.94 10.52 17.89
N ALA D 24 3.44 11.19 16.85
CA ALA D 24 3.22 10.73 15.45
C ALA D 24 3.99 9.47 15.06
N PHE D 25 4.92 9.05 15.89
CA PHE D 25 5.61 7.77 15.70
C PHE D 25 4.82 6.57 16.28
N LEU D 26 3.83 6.83 17.13
CA LEU D 26 3.19 5.76 17.87
C LEU D 26 2.40 4.83 16.94
N GLY D 27 2.46 3.52 17.20
CA GLY D 27 1.74 2.56 16.38
C GLY D 27 2.62 1.56 15.68
N THR D 28 2.02 0.82 14.76
CA THR D 28 2.53 -0.44 14.21
C THR D 28 2.92 -0.25 12.77
N TRP D 29 4.15 -0.62 12.44
CA TRP D 29 4.78 -0.32 11.17
C TRP D 29 5.38 -1.59 10.60
N LYS D 30 4.94 -2.02 9.43
CA LYS D 30 5.48 -3.19 8.80
C LYS D 30 6.48 -2.82 7.71
N LEU D 31 7.58 -3.58 7.60
CA LEU D 31 8.58 -3.37 6.57
C LEU D 31 8.09 -3.83 5.19
N VAL D 32 8.30 -2.98 4.16
CA VAL D 32 7.98 -3.40 2.79
C VAL D 32 9.16 -3.26 1.80
N ASP D 33 10.16 -2.48 2.18
CA ASP D 33 11.31 -2.33 1.30
C ASP D 33 12.58 -2.18 2.11
N SER D 34 13.69 -2.55 1.51
CA SER D 34 14.99 -2.58 2.14
C SER D 34 16.06 -2.25 1.09
N LYS D 35 16.92 -1.26 1.33
CA LYS D 35 18.12 -1.06 0.47
C LYS D 35 19.45 -1.24 1.23
N ASN D 36 20.33 -2.07 0.68
CA ASN D 36 21.72 -2.25 1.16
C ASN D 36 21.88 -2.93 2.52
N PHE D 37 20.82 -3.60 2.97
CA PHE D 37 20.82 -4.34 4.22
C PHE D 37 21.92 -5.40 4.36
N ASP D 38 22.19 -6.21 3.35
CA ASP D 38 23.25 -7.22 3.52
C ASP D 38 24.55 -6.59 3.99
N ASP D 39 24.99 -5.57 3.27
CA ASP D 39 26.26 -4.92 3.58
C ASP D 39 26.24 -4.31 4.96
N TYR D 40 25.15 -3.64 5.31
CA TYR D 40 25.05 -3.11 6.64
C TYR D 40 25.26 -4.22 7.67
N MET D 41 24.57 -5.36 7.50
CA MET D 41 24.78 -6.56 8.38
C MET D 41 26.26 -7.08 8.45
N LYS D 42 26.83 -7.28 7.27
CA LYS D 42 28.25 -7.60 7.14
C LYS D 42 29.13 -6.62 7.97
N SER D 43 28.91 -5.33 7.79
CA SER D 43 29.64 -4.26 8.51
C SER D 43 29.51 -4.35 10.04
N LEU D 44 28.39 -4.87 10.53
CA LEU D 44 28.23 -5.15 11.94
C LEU D 44 28.78 -6.52 12.37
N GLY D 45 29.26 -7.33 11.43
CA GLY D 45 29.71 -8.71 11.79
C GLY D 45 28.61 -9.77 12.03
N VAL D 46 27.48 -9.63 11.35
CA VAL D 46 26.36 -10.58 11.51
C VAL D 46 26.78 -11.84 10.77
N GLY D 47 26.73 -13.00 11.41
CA GLY D 47 27.09 -14.28 10.76
C GLY D 47 26.21 -14.65 9.53
N PHE D 48 26.79 -15.47 8.65
CA PHE D 48 26.14 -15.87 7.41
C PHE D 48 24.73 -16.39 7.60
N ALA D 49 24.54 -17.23 8.60
CA ALA D 49 23.29 -17.92 8.82
C ALA D 49 22.19 -16.96 9.20
N THR D 50 22.54 -15.97 10.00
CA THR D 50 21.59 -14.97 10.42
C THR D 50 21.31 -14.07 9.18
N ARG D 51 22.34 -13.74 8.40
CA ARG D 51 22.14 -12.82 7.27
C ARG D 51 21.16 -13.40 6.21
N GLN D 52 21.35 -14.67 5.88
CA GLN D 52 20.46 -15.45 5.00
C GLN D 52 18.96 -15.27 5.37
N VAL D 53 18.68 -15.36 6.65
CA VAL D 53 17.31 -15.23 7.11
C VAL D 53 16.90 -13.78 7.21
N ALA D 54 17.77 -12.95 7.81
CA ALA D 54 17.42 -11.55 8.09
C ALA D 54 17.19 -10.74 6.80
N SER D 55 17.90 -11.10 5.72
CA SER D 55 17.78 -10.29 4.52
C SER D 55 16.41 -10.54 3.86
N MET D 56 15.78 -11.64 4.26
CA MET D 56 14.57 -12.09 3.61
C MET D 56 13.29 -12.03 4.42
N THR D 57 13.35 -11.49 5.62
CA THR D 57 12.21 -11.53 6.48
C THR D 57 11.80 -10.09 6.64
N LYS D 58 10.50 -9.86 6.72
CA LYS D 58 9.92 -8.54 6.90
C LYS D 58 9.36 -8.30 8.31
N PRO D 59 10.14 -7.64 9.18
CA PRO D 59 9.66 -7.40 10.52
C PRO D 59 8.64 -6.29 10.66
N THR D 60 8.11 -6.22 11.86
CA THR D 60 7.09 -5.30 12.23
C THR D 60 7.73 -4.48 13.31
N THR D 61 7.60 -3.16 13.24
CA THR D 61 7.94 -2.28 14.37
C THR D 61 6.72 -1.65 15.06
N ILE D 62 6.64 -1.82 16.37
CA ILE D 62 5.57 -1.24 17.16
C ILE D 62 6.26 -0.23 18.08
N ILE D 63 5.77 0.98 18.13
CA ILE D 63 6.27 2.01 19.02
C ILE D 63 5.10 2.44 19.87
N GLU D 64 5.26 2.40 21.19
CA GLU D 64 4.21 2.79 22.13
C GLU D 64 4.72 3.81 23.14
N LYS D 65 3.81 4.63 23.68
CA LYS D 65 4.11 5.48 24.84
C LYS D 65 3.43 4.95 26.11
N ASN D 66 4.05 5.12 27.26
CA ASN D 66 3.33 5.00 28.55
C ASN D 66 3.89 5.99 29.58
N GLY D 67 3.28 7.17 29.56
CA GLY D 67 3.84 8.32 30.24
C GLY D 67 4.90 8.85 29.29
N ASP D 68 6.12 9.00 29.79
CA ASP D 68 7.20 9.46 28.94
C ASP D 68 8.21 8.31 28.80
N ILE D 69 7.70 7.09 28.95
CA ILE D 69 8.45 5.86 28.72
C ILE D 69 8.03 5.30 27.36
N LEU D 70 8.96 5.29 26.41
CA LEU D 70 8.67 4.71 25.13
C LEU D 70 9.09 3.25 25.15
N THR D 71 8.46 2.50 24.26
CA THR D 71 8.72 1.10 24.06
C THR D 71 8.78 0.91 22.54
N LEU D 72 9.88 0.33 22.07
CA LEU D 72 10.02 -0.03 20.66
C LEU D 72 10.20 -1.56 20.54
N LYS D 73 9.21 -2.20 19.90
CA LYS D 73 9.13 -3.63 19.67
C LYS D 73 9.44 -3.95 18.23
N THR D 74 10.13 -5.07 18.04
CA THR D 74 10.44 -5.60 16.72
C THR D 74 9.87 -6.99 16.73
N HIS D 75 8.94 -7.27 15.83
CA HIS D 75 8.37 -8.60 15.76
C HIS D 75 8.60 -9.24 14.39
N SER D 76 8.96 -10.51 14.40
CA SER D 76 9.08 -11.27 13.15
C SER D 76 8.99 -12.72 13.53
N THR D 77 8.86 -13.56 12.51
CA THR D 77 8.73 -15.02 12.74
C THR D 77 9.92 -15.61 13.54
N PHE D 78 11.03 -14.88 13.48
CA PHE D 78 12.35 -15.41 13.76
C PHE D 78 13.01 -14.81 14.99
N LYS D 79 13.12 -13.48 15.04
CA LYS D 79 13.53 -12.82 16.27
C LYS D 79 12.55 -11.75 16.68
N ASN D 80 12.43 -11.58 17.99
CA ASN D 80 11.65 -10.51 18.64
C ASN D 80 12.52 -9.82 19.65
N THR D 81 12.58 -8.51 19.61
CA THR D 81 13.18 -7.83 20.72
C THR D 81 12.15 -6.86 21.18
N GLU D 82 12.53 -6.01 22.12
CA GLU D 82 11.77 -4.88 22.52
C GLU D 82 12.61 -4.12 23.50
N ILE D 83 12.55 -2.80 23.43
CA ILE D 83 13.28 -1.93 24.32
C ILE D 83 12.38 -0.80 24.79
N SER D 84 12.56 -0.38 26.03
CA SER D 84 11.78 0.69 26.62
C SER D 84 12.78 1.71 27.10
N PHE D 85 12.49 2.99 26.98
CA PHE D 85 13.47 3.98 27.36
C PHE D 85 12.86 5.34 27.56
N LYS D 86 13.58 6.22 28.23
CA LYS D 86 13.26 7.63 28.16
C LYS D 86 14.19 8.31 27.16
N LEU D 87 13.69 9.28 26.42
CA LEU D 87 14.54 10.01 25.50
C LEU D 87 15.78 10.56 26.24
N GLY D 88 16.96 10.31 25.68
CA GLY D 88 18.16 10.92 26.19
C GLY D 88 18.72 10.26 27.43
N VAL D 89 18.12 9.13 27.82
CA VAL D 89 18.71 8.36 28.91
C VAL D 89 19.21 7.00 28.41
N GLU D 90 20.48 6.76 28.68
CA GLU D 90 21.22 5.67 28.06
C GLU D 90 20.71 4.40 28.70
N PHE D 91 20.63 3.32 27.95
CA PHE D 91 20.18 2.05 28.52
C PHE D 91 20.95 0.92 27.87
N ASP D 92 20.96 -0.24 28.51
CA ASP D 92 21.69 -1.41 27.97
C ASP D 92 20.77 -2.10 27.03
N GLU D 93 21.24 -2.49 25.87
CA GLU D 93 20.34 -3.09 24.87
C GLU D 93 21.05 -4.27 24.27
N THR D 94 20.31 -5.35 24.05
CA THR D 94 20.78 -6.51 23.32
C THR D 94 20.07 -6.56 21.98
N THR D 95 20.82 -6.50 20.90
CA THR D 95 20.25 -6.24 19.57
C THR D 95 19.82 -7.55 18.89
N ALA D 96 19.06 -7.44 17.79
CA ALA D 96 18.57 -8.62 17.06
C ALA D 96 19.70 -9.55 16.73
N ASP D 97 20.83 -9.00 16.33
CA ASP D 97 22.01 -9.76 16.02
C ASP D 97 22.95 -9.99 17.22
N ASP D 98 22.45 -9.88 18.45
CA ASP D 98 23.22 -10.24 19.66
C ASP D 98 24.40 -9.42 20.12
N ARG D 99 24.56 -8.22 19.60
CA ARG D 99 25.49 -7.29 20.23
C ARG D 99 24.82 -6.68 21.44
N LYS D 100 25.57 -6.63 22.53
CA LYS D 100 25.15 -5.95 23.73
C LYS D 100 25.73 -4.55 23.61
N VAL D 101 24.85 -3.57 23.52
CA VAL D 101 25.28 -2.18 23.25
C VAL D 101 24.82 -1.22 24.33
N LYS D 102 25.42 -0.02 24.39
CA LYS D 102 24.86 1.04 25.24
C LYS D 102 24.04 1.90 24.28
N SER D 103 22.76 2.05 24.53
CA SER D 103 21.96 2.79 23.62
C SER D 103 21.41 4.06 24.24
N ILE D 104 21.14 5.01 23.35
CA ILE D 104 20.47 6.23 23.70
C ILE D 104 19.51 6.59 22.55
N VAL D 105 18.31 7.07 22.89
CA VAL D 105 17.37 7.51 21.86
C VAL D 105 16.95 8.94 22.08
N THR D 106 16.93 9.75 21.01
CA THR D 106 16.44 11.11 21.19
C THR D 106 15.60 11.56 20.04
N LEU D 107 14.73 12.52 20.31
CA LEU D 107 13.90 13.06 19.26
C LEU D 107 14.45 14.41 18.81
N ASP D 108 15.17 14.42 17.67
CA ASP D 108 15.87 15.62 17.16
C ASP D 108 15.16 16.20 15.93
N GLY D 109 14.36 17.26 16.14
CA GLY D 109 13.57 17.85 15.05
C GLY D 109 12.82 16.78 14.28
N GLY D 110 11.97 16.05 15.02
CA GLY D 110 11.20 14.90 14.52
C GLY D 110 11.87 13.75 13.75
N LYS D 111 13.21 13.64 13.88
CA LYS D 111 13.98 12.40 13.59
C LYS D 111 14.27 11.71 14.93
N LEU D 112 13.82 10.47 15.02
CA LEU D 112 14.06 9.69 16.23
C LEU D 112 15.42 9.09 15.98
N VAL D 113 16.38 9.53 16.75
CA VAL D 113 17.77 9.12 16.59
C VAL D 113 18.15 8.08 17.66
N HIS D 114 18.43 6.87 17.23
CA HIS D 114 18.79 5.77 18.13
C HIS D 114 20.27 5.51 17.89
N LEU D 115 21.13 5.84 18.86
CA LEU D 115 22.59 5.61 18.75
C LEU D 115 23.02 4.47 19.66
N GLN D 116 23.70 3.49 19.05
CA GLN D 116 24.15 2.31 19.79
C GLN D 116 25.64 2.41 19.81
N LYS D 117 26.24 2.04 20.95
CA LYS D 117 27.66 2.11 21.14
C LYS D 117 28.16 0.75 21.66
N TRP D 118 29.30 0.28 21.13
CA TRP D 118 29.84 -1.00 21.59
C TRP D 118 31.21 -1.12 20.98
N ASP D 119 32.10 -1.88 21.62
CA ASP D 119 33.41 -2.17 21.06
C ASP D 119 34.11 -0.90 20.49
N GLY D 120 33.93 0.24 21.15
CA GLY D 120 34.51 1.51 20.74
C GLY D 120 34.08 1.97 19.36
N GLN D 121 32.93 1.44 18.89
CA GLN D 121 32.32 1.83 17.63
C GLN D 121 30.92 2.32 17.88
N GLU D 122 30.27 2.67 16.76
CA GLU D 122 28.96 3.31 16.77
C GLU D 122 28.13 3.01 15.52
N THR D 123 26.83 2.93 15.70
CA THR D 123 25.93 2.80 14.62
C THR D 123 24.67 3.57 15.02
N THR D 124 24.03 4.17 14.03
CA THR D 124 22.92 5.03 14.30
C THR D 124 21.76 4.45 13.53
N LEU D 125 20.59 4.52 14.14
CA LEU D 125 19.34 4.06 13.57
C LEU D 125 18.45 5.30 13.66
N VAL D 126 18.22 5.90 12.50
CA VAL D 126 17.45 7.11 12.42
C VAL D 126 16.11 6.91 11.69
N ARG D 127 15.06 7.29 12.38
CA ARG D 127 13.75 7.16 11.82
C ARG D 127 13.06 8.51 11.71
N GLU D 128 12.37 8.68 10.59
CA GLU D 128 11.51 9.83 10.36
C GLU D 128 10.39 9.47 9.39
N LEU D 129 9.27 10.17 9.54
CA LEU D 129 8.09 9.95 8.72
C LEU D 129 8.19 10.73 7.44
N ILE D 130 8.26 10.03 6.30
CA ILE D 130 8.10 10.68 5.01
C ILE D 130 7.07 9.99 4.07
N ASP D 131 6.01 10.76 3.79
CA ASP D 131 4.93 10.39 2.87
C ASP D 131 4.01 9.42 3.61
N GLY D 132 3.76 9.70 4.88
CA GLY D 132 3.09 8.76 5.79
C GLY D 132 3.74 7.38 6.00
N LYS D 133 4.96 7.20 5.50
CA LYS D 133 5.76 6.00 5.71
C LYS D 133 6.97 6.32 6.54
N LEU D 134 7.27 5.47 7.53
CA LEU D 134 8.40 5.64 8.41
C LEU D 134 9.59 5.03 7.75
N ILE D 135 10.58 5.88 7.52
CA ILE D 135 11.85 5.49 6.90
C ILE D 135 12.91 5.37 8.03
N LEU D 136 13.57 4.22 8.09
CA LEU D 136 14.67 4.00 9.03
C LEU D 136 15.95 3.97 8.26
N THR D 137 16.88 4.86 8.60
CA THR D 137 18.20 4.89 7.99
C THR D 137 19.21 4.32 9.01
N LEU D 138 19.89 3.24 8.61
CA LEU D 138 20.91 2.64 9.42
C LEU D 138 22.26 2.98 8.83
N THR D 139 23.25 3.33 9.66
CA THR D 139 24.61 3.75 9.26
C THR D 139 25.65 3.18 10.17
N HIS D 140 26.63 2.47 9.63
CA HIS D 140 27.76 2.05 10.42
C HIS D 140 29.03 2.23 9.63
N GLY D 141 29.95 3.08 10.09
CA GLY D 141 31.12 3.42 9.25
C GLY D 141 30.56 3.92 7.91
N THR D 142 31.01 3.34 6.79
CA THR D 142 30.48 3.77 5.48
C THR D 142 29.32 2.89 4.94
N ALA D 143 28.85 1.90 5.72
CA ALA D 143 27.61 1.17 5.42
C ALA D 143 26.32 1.99 5.73
N VAL D 144 25.54 2.34 4.71
CA VAL D 144 24.28 3.04 4.92
C VAL D 144 23.19 2.08 4.43
N CYS D 145 22.04 2.06 5.10
CA CYS D 145 20.95 1.17 4.76
C CYS D 145 19.67 1.95 4.96
N THR D 146 18.70 1.74 4.07
CA THR D 146 17.37 2.36 4.15
C THR D 146 16.27 1.26 4.24
N ARG D 147 15.36 1.42 5.18
CA ARG D 147 14.27 0.49 5.35
C ARG D 147 13.02 1.24 5.58
N THR D 148 12.04 0.91 4.76
CA THR D 148 10.79 1.67 4.67
C THR D 148 9.68 0.80 5.24
N TYR D 149 8.86 1.40 6.10
CA TYR D 149 7.79 0.72 6.84
C TYR D 149 6.49 1.53 6.66
N GLU D 150 5.38 0.83 6.40
CA GLU D 150 4.04 1.46 6.22
C GLU D 150 3.11 1.15 7.37
N LYS D 151 2.42 2.18 7.84
CA LYS D 151 1.51 2.08 8.98
C LYS D 151 0.52 0.95 8.80
N GLU D 152 0.42 0.11 9.83
CA GLU D 152 -0.57 -0.98 9.89
C GLU D 152 -1.62 -0.66 10.96
C1 2AN E . -10.77 -11.68 -8.70
C2 2AN E . -9.59 -12.43 -8.60
C3 2AN E . -8.43 -12.04 -9.28
C4 2AN E . -8.46 -10.91 -10.07
C5 2AN E . -9.63 -10.15 -10.19
C6 2AN E . -9.58 -9.02 -11.02
C7 2AN E . -10.70 -8.22 -11.19
C8 2AN E . -11.87 -8.56 -10.53
N 2AN E . -11.85 -12.07 -7.96
S 2AN E . -13.36 -9.93 -9.05
C9 2AN E . -11.92 -9.69 -9.70
C10 2AN E . -10.80 -10.51 -9.51
C11 2AN E . -12.26 -13.30 -7.57
C12 2AN E . -12.91 -13.36 -6.35
C13 2AN E . -13.41 -14.59 -5.92
C14 2AN E . -13.24 -15.73 -6.72
C15 2AN E . -12.59 -15.65 -7.96
C16 2AN E . -12.11 -14.42 -8.39
O1 2AN E . -13.86 -11.31 -9.27
O2 2AN E . -13.43 -9.50 -7.62
O3 2AN E . -14.30 -9.06 -9.80
C1 2AN F . 11.79 -11.22 -13.33
C2 2AN F . 10.66 -11.26 -12.53
C3 2AN F . 9.48 -10.63 -12.94
C4 2AN F . 9.42 -9.93 -14.14
C5 2AN F . 10.55 -9.88 -14.95
C6 2AN F . 10.46 -9.19 -16.14
C7 2AN F . 11.52 -9.09 -17.00
C8 2AN F . 12.70 -9.70 -16.62
N 2AN F . 12.93 -11.86 -12.96
S 2AN F . 14.30 -11.05 -15.14
C9 2AN F . 12.84 -10.42 -15.41
C10 2AN F . 11.74 -10.53 -14.55
C11 2AN F . 13.24 -12.48 -11.80
C12 2AN F . 13.73 -13.78 -11.85
C13 2AN F . 14.08 -14.42 -10.65
C14 2AN F . 13.95 -13.74 -9.43
C15 2AN F . 13.46 -12.43 -9.39
C16 2AN F . 13.12 -11.82 -10.57
O1 2AN F . 14.92 -10.69 -13.84
O2 2AN F . 14.23 -12.54 -15.34
O3 2AN F . 15.20 -10.38 -16.10
C1 2AN G . -18.62 18.59 21.34
C2 2AN G . -19.25 18.81 22.56
C3 2AN G . -20.62 18.73 22.67
C4 2AN G . -21.40 18.47 21.54
C5 2AN G . -20.79 18.24 20.31
C6 2AN G . -21.62 17.94 19.22
C7 2AN G . -21.08 17.74 17.95
C8 2AN G . -19.71 17.79 17.79
N 2AN G . -17.26 18.64 21.29
S 2AN G . -17.33 18.13 18.48
C9 2AN G . -18.88 18.07 18.85
C10 2AN G . -19.40 18.31 20.16
C11 2AN G . -16.30 18.97 22.20
C12 2AN G . -16.15 20.27 22.72
C13 2AN G . -15.12 20.59 23.61
C14 2AN G . -14.20 19.63 23.96
C15 2AN G . -14.31 18.34 23.43
C16 2AN G . -15.34 18.03 22.54
O1 2AN G . -16.85 19.45 18.93
O2 2AN G . -16.63 17.03 19.17
O3 2AN G . -17.02 18.08 17.03
C1 2AN H . 17.80 -7.03 12.28
C2 2AN H . 18.50 -8.23 12.09
C3 2AN H . 19.88 -8.27 12.18
C4 2AN H . 20.58 -7.09 12.43
C5 2AN H . 19.89 -5.89 12.62
C6 2AN H . 20.64 -4.73 12.86
C7 2AN H . 20.02 -3.51 13.04
C8 2AN H . 18.63 -3.46 12.97
N 2AN H . 16.44 -6.99 12.21
S 2AN H . 16.23 -4.30 12.62
C9 2AN H . 17.84 -4.58 12.71
C10 2AN H . 18.49 -5.83 12.52
C11 2AN H . 15.61 -8.00 11.94
C12 2AN H . 14.66 -8.37 12.87
C13 2AN H . 13.78 -9.39 12.59
C14 2AN H . 13.82 -10.04 11.35
C15 2AN H . 14.76 -9.67 10.41
C16 2AN H . 15.65 -8.64 10.71
O1 2AN H . 15.68 -4.82 11.33
O2 2AN H . 15.54 -4.77 13.83
O3 2AN H . 16.03 -2.82 12.55
#